data_9BD4
#
_entry.id   9BD4
#
_cell.length_a   102.706
_cell.length_b   68.195
_cell.length_c   65.363
_cell.angle_alpha   90.00
_cell.angle_beta   77.16
_cell.angle_gamma   90.00
#
_symmetry.space_group_name_H-M   'C 1 2 1'
#
loop_
_entity.id
_entity.type
_entity.pdbx_description
1 polymer Esterase
2 water water
#
_entity_poly.entity_id   1
_entity_poly.type   'polypeptide(L)'
_entity_poly.pdbx_seq_one_letter_code
;GPGMIALEMRNLGGGEILHACPQESLDKPLPCIVFYHGFTSSKLVYSYFAVALAEAGFRVIMPDAPEHGARYQGDEAGRM
QRFWPILQQNFREFPALREAIIAEGWLEGERLAVAGASMGGMTALGIMTHHPELNSVACLMGSGYFRSLSQTLFPSPDFD
VDSLNEWDVSHQLASLARRPLLLWHGDADDVVPPEETFRLEQALRQGDLAARLTCVWQKGVRHRITPEALATTVAFFQQH
LA
;
_entity_poly.pdbx_strand_id   A,B
#
# COMPACT_ATOMS: atom_id res chain seq x y z
N GLY A 3 -10.67 -8.67 15.08
CA GLY A 3 -10.69 -7.81 16.25
C GLY A 3 -9.96 -6.51 16.02
N MET A 4 -10.00 -5.61 17.00
CA MET A 4 -9.36 -4.31 16.84
C MET A 4 -7.85 -4.42 16.98
N ILE A 5 -7.15 -3.66 16.16
CA ILE A 5 -5.69 -3.60 16.26
C ILE A 5 -5.26 -2.20 16.67
N ALA A 6 -4.07 -2.13 17.25
CA ALA A 6 -3.42 -0.90 17.63
C ALA A 6 -2.21 -0.71 16.73
N LEU A 7 -1.97 0.53 16.32
N LEU A 7 -1.95 0.53 16.36
CA LEU A 7 -0.75 0.85 15.59
CA LEU A 7 -0.77 0.86 15.57
C LEU A 7 -0.17 2.11 16.19
C LEU A 7 -0.17 2.15 16.11
N GLU A 8 1.16 2.18 16.22
CA GLU A 8 1.84 3.35 16.76
C GLU A 8 3.20 3.52 16.10
N MET A 9 3.62 4.77 15.97
CA MET A 9 5.00 5.09 15.67
C MET A 9 5.75 5.19 16.99
N ARG A 10 6.89 4.52 17.10
CA ARG A 10 7.67 4.47 18.34
C ARG A 10 9.15 4.49 17.97
N ASN A 11 9.97 5.06 18.85
N ASN A 11 9.97 5.09 18.84
CA ASN A 11 11.41 4.97 18.65
CA ASN A 11 11.41 4.97 18.72
C ASN A 11 11.96 3.69 19.26
C ASN A 11 11.84 3.59 19.22
N LEU A 12 12.72 2.94 18.48
CA LEU A 12 13.29 1.67 18.88
C LEU A 12 14.69 1.58 18.29
N GLY A 13 15.69 1.30 19.11
CA GLY A 13 17.04 1.10 18.61
C GLY A 13 17.67 2.32 17.98
N GLY A 14 17.22 3.51 18.34
CA GLY A 14 17.80 4.73 17.83
C GLY A 14 17.09 5.34 16.64
N GLY A 15 16.05 4.69 16.11
CA GLY A 15 15.29 5.22 15.00
C GLY A 15 13.81 4.98 15.22
N GLU A 16 13.01 5.40 14.24
CA GLU A 16 11.56 5.31 14.33
C GLU A 16 11.09 4.02 13.67
N ILE A 17 10.18 3.31 14.32
CA ILE A 17 9.53 2.15 13.75
C ILE A 17 8.02 2.33 13.79
N LEU A 18 7.33 1.52 12.99
CA LEU A 18 5.90 1.37 13.08
C LEU A 18 5.63 0.01 13.74
N HIS A 19 4.77 0.01 14.75
CA HIS A 19 4.42 -1.19 15.51
C HIS A 19 2.92 -1.40 15.40
N ALA A 20 2.49 -2.61 15.05
CA ALA A 20 1.08 -2.95 15.07
C ALA A 20 0.88 -4.30 15.77
N CYS A 21 -0.22 -4.42 16.50
CA CYS A 21 -0.54 -5.69 17.16
C CYS A 21 -2.01 -5.68 17.56
N PRO A 22 -2.57 -6.82 17.93
CA PRO A 22 -3.94 -6.83 18.48
C PRO A 22 -4.03 -5.95 19.72
N GLN A 23 -5.12 -5.18 19.81
CA GLN A 23 -5.32 -4.29 20.94
C GLN A 23 -5.21 -5.03 22.27
N GLU A 24 -5.78 -6.23 22.33
CA GLU A 24 -5.84 -6.99 23.57
C GLU A 24 -4.48 -7.53 24.00
N SER A 25 -3.43 -7.36 23.19
CA SER A 25 -2.13 -7.95 23.44
C SER A 25 -1.02 -6.92 23.54
N LEU A 26 -1.36 -5.64 23.70
CA LEU A 26 -0.35 -4.60 23.81
C LEU A 26 0.65 -4.88 24.94
N ASP A 27 0.21 -5.53 26.01
CA ASP A 27 1.08 -5.78 27.16
C ASP A 27 1.54 -7.23 27.25
N LYS A 28 1.63 -7.91 26.11
CA LYS A 28 2.02 -9.31 26.10
C LYS A 28 3.03 -9.57 24.98
N PRO A 29 3.96 -10.51 25.19
CA PRO A 29 4.81 -10.96 24.07
C PRO A 29 3.97 -11.72 23.04
N LEU A 30 4.41 -11.67 21.79
CA LEU A 30 3.67 -12.28 20.69
C LEU A 30 4.66 -12.81 19.67
N PRO A 31 4.23 -13.70 18.77
N PRO A 31 4.23 -13.70 18.78
CA PRO A 31 5.02 -13.96 17.56
CA PRO A 31 5.01 -13.96 17.56
C PRO A 31 5.15 -12.66 16.80
C PRO A 31 5.15 -12.66 16.78
N CYS A 32 6.36 -12.39 16.32
CA CYS A 32 6.70 -11.10 15.71
C CYS A 32 7.18 -11.29 14.27
N ILE A 33 6.78 -10.34 13.41
CA ILE A 33 7.26 -10.26 12.04
C ILE A 33 7.90 -8.89 11.84
N VAL A 34 9.15 -8.87 11.40
CA VAL A 34 9.79 -7.64 10.94
C VAL A 34 9.51 -7.54 9.44
N PHE A 35 8.90 -6.45 8.99
CA PHE A 35 8.59 -6.28 7.58
C PHE A 35 9.34 -5.09 7.01
N TYR A 36 10.08 -5.34 5.92
CA TYR A 36 10.93 -4.34 5.25
C TYR A 36 10.27 -3.79 3.98
N HIS A 37 10.16 -2.47 3.90
CA HIS A 37 9.52 -1.77 2.78
C HIS A 37 10.43 -1.70 1.55
N GLY A 38 9.85 -1.20 0.44
CA GLY A 38 10.56 -1.11 -0.82
C GLY A 38 11.37 0.19 -1.01
N PHE A 39 12.14 0.22 -2.09
CA PHE A 39 13.05 1.32 -2.38
C PHE A 39 12.29 2.56 -2.87
N THR A 40 12.65 3.71 -2.30
CA THR A 40 11.95 5.00 -2.41
C THR A 40 10.55 4.99 -1.83
N SER A 41 10.15 3.90 -1.18
CA SER A 41 8.89 3.85 -0.47
C SER A 41 9.16 4.14 1.02
N SER A 42 8.26 3.72 1.90
CA SER A 42 8.43 3.97 3.33
C SER A 42 7.64 2.93 4.11
N LYS A 43 7.94 2.84 5.42
CA LYS A 43 7.17 1.97 6.29
C LYS A 43 5.71 2.37 6.34
N LEU A 44 5.41 3.67 6.20
CA LEU A 44 4.01 4.09 6.22
C LEU A 44 3.28 3.64 4.96
N VAL A 45 3.92 3.76 3.79
CA VAL A 45 3.26 3.33 2.55
C VAL A 45 3.02 1.82 2.55
N TYR A 46 3.91 1.04 3.20
CA TYR A 46 3.76 -0.41 3.27
C TYR A 46 3.04 -0.86 4.56
N SER A 47 2.45 0.07 5.32
CA SER A 47 1.84 -0.29 6.60
C SER A 47 0.61 -1.17 6.48
N TYR A 48 0.06 -1.33 5.27
CA TYR A 48 -1.03 -2.29 5.08
C TYR A 48 -0.61 -3.73 5.42
N PHE A 49 0.68 -4.07 5.27
CA PHE A 49 1.14 -5.37 5.73
C PHE A 49 1.01 -5.49 7.25
N ALA A 50 1.33 -4.42 7.98
CA ALA A 50 1.17 -4.44 9.42
C ALA A 50 -0.30 -4.58 9.79
N VAL A 51 -1.19 -3.89 9.08
CA VAL A 51 -2.62 -4.02 9.35
C VAL A 51 -3.06 -5.47 9.15
N ALA A 52 -2.74 -6.05 7.99
CA ALA A 52 -3.22 -7.38 7.66
C ALA A 52 -2.66 -8.43 8.62
N LEU A 53 -1.38 -8.32 8.97
CA LEU A 53 -0.77 -9.34 9.82
C LEU A 53 -1.22 -9.20 11.27
N ALA A 54 -1.38 -7.95 11.76
CA ALA A 54 -1.88 -7.77 13.11
C ALA A 54 -3.33 -8.25 13.24
N GLU A 55 -4.13 -8.09 12.18
CA GLU A 55 -5.49 -8.62 12.21
C GLU A 55 -5.51 -10.14 12.30
N ALA A 56 -4.45 -10.80 11.85
CA ALA A 56 -4.29 -12.25 11.99
C ALA A 56 -3.66 -12.65 13.33
N GLY A 57 -3.38 -11.69 14.21
CA GLY A 57 -2.90 -12.00 15.54
C GLY A 57 -1.42 -11.80 15.79
N PHE A 58 -0.66 -11.35 14.79
CA PHE A 58 0.78 -11.19 14.94
C PHE A 58 1.12 -9.77 15.42
N ARG A 59 2.31 -9.63 16.00
CA ARG A 59 2.92 -8.32 16.18
C ARG A 59 3.83 -8.04 15.00
N VAL A 60 3.75 -6.82 14.45
CA VAL A 60 4.53 -6.43 13.28
C VAL A 60 5.38 -5.22 13.64
N ILE A 61 6.66 -5.26 13.27
CA ILE A 61 7.61 -4.16 13.47
C ILE A 61 8.14 -3.78 12.10
N MET A 62 7.97 -2.51 11.74
CA MET A 62 8.43 -1.97 10.45
C MET A 62 9.45 -0.88 10.61
N PRO A 63 10.72 -1.11 10.25
CA PRO A 63 11.75 -0.08 10.37
C PRO A 63 11.89 0.76 9.12
N ASP A 64 12.68 1.84 9.26
CA ASP A 64 13.08 2.68 8.14
C ASP A 64 14.37 2.12 7.53
N ALA A 65 14.37 1.89 6.21
CA ALA A 65 15.63 1.60 5.55
C ALA A 65 16.52 2.84 5.57
N PRO A 66 17.84 2.66 5.47
CA PRO A 66 18.75 3.82 5.37
C PRO A 66 18.27 4.76 4.28
N GLU A 67 18.28 6.07 4.58
CA GLU A 67 17.86 7.12 3.65
C GLU A 67 16.38 7.09 3.32
N HIS A 68 15.55 6.41 4.14
CA HIS A 68 14.11 6.34 3.92
C HIS A 68 13.36 6.75 5.20
N GLY A 69 12.10 7.14 5.03
CA GLY A 69 11.29 7.49 6.18
C GLY A 69 11.87 8.65 6.96
N ALA A 70 11.95 8.51 8.29
CA ALA A 70 12.52 9.55 9.14
C ALA A 70 14.01 9.72 8.92
N ARG A 71 14.68 8.77 8.27
CA ARG A 71 16.10 8.88 7.94
C ARG A 71 16.38 9.68 6.67
N TYR A 72 15.35 9.97 5.86
CA TYR A 72 15.53 10.65 4.58
C TYR A 72 15.67 12.15 4.79
N GLN A 73 16.66 12.74 4.11
CA GLN A 73 16.94 14.17 4.23
C GLN A 73 16.77 14.90 2.91
N GLY A 74 16.09 14.30 1.94
CA GLY A 74 15.73 14.99 0.72
C GLY A 74 16.70 14.89 -0.44
N ASP A 75 17.80 14.14 -0.29
CA ASP A 75 18.79 13.97 -1.36
C ASP A 75 18.31 12.86 -2.29
N GLU A 76 17.36 13.22 -3.15
CA GLU A 76 16.71 12.24 -4.02
C GLU A 76 17.69 11.65 -5.04
N ALA A 77 18.46 12.52 -5.69
CA ALA A 77 19.39 12.08 -6.72
C ALA A 77 20.48 11.19 -6.14
N GLY A 78 21.00 11.56 -4.96
CA GLY A 78 22.02 10.73 -4.33
C GLY A 78 21.49 9.37 -3.91
N ARG A 79 20.27 9.34 -3.37
CA ARG A 79 19.67 8.07 -2.95
C ARG A 79 19.53 7.12 -4.13
N MET A 80 19.16 7.66 -5.30
CA MET A 80 19.06 6.86 -6.53
C MET A 80 20.36 6.14 -6.86
N GLN A 81 21.49 6.71 -6.44
CA GLN A 81 22.81 6.15 -6.73
C GLN A 81 23.34 5.25 -5.62
N ARG A 82 22.53 5.00 -4.58
CA ARG A 82 22.99 4.28 -3.41
C ARG A 82 22.08 3.11 -3.03
N PHE A 83 21.32 2.56 -4.00
CA PHE A 83 20.48 1.40 -3.72
C PHE A 83 21.25 0.29 -3.02
N TRP A 84 22.42 -0.06 -3.57
CA TRP A 84 23.13 -1.25 -3.10
C TRP A 84 23.80 -1.02 -1.75
N PRO A 85 24.43 0.12 -1.48
CA PRO A 85 24.89 0.38 -0.09
C PRO A 85 23.75 0.48 0.91
N ILE A 86 22.58 1.01 0.49
CA ILE A 86 21.42 1.01 1.38
C ILE A 86 21.01 -0.41 1.73
N LEU A 87 20.91 -1.28 0.72
CA LEU A 87 20.56 -2.67 0.98
C LEU A 87 21.55 -3.33 1.92
N GLN A 88 22.86 -3.12 1.68
CA GLN A 88 23.87 -3.73 2.54
C GLN A 88 23.72 -3.30 3.99
N GLN A 89 23.48 -2.00 4.22
CA GLN A 89 23.29 -1.53 5.59
C GLN A 89 22.01 -2.09 6.20
N ASN A 90 20.96 -2.27 5.39
CA ASN A 90 19.74 -2.92 5.86
C ASN A 90 20.03 -4.32 6.41
N PHE A 91 20.83 -5.12 5.70
CA PHE A 91 21.20 -6.45 6.22
C PHE A 91 21.87 -6.32 7.58
N ARG A 92 22.84 -5.41 7.66
CA ARG A 92 23.71 -5.30 8.83
C ARG A 92 22.98 -4.80 10.06
N GLU A 93 21.87 -4.08 9.89
CA GLU A 93 21.12 -3.52 11.01
C GLU A 93 20.20 -4.52 11.69
N PHE A 94 20.02 -5.72 11.11
CA PHE A 94 19.02 -6.64 11.66
C PHE A 94 19.33 -7.11 13.08
N PRO A 95 20.55 -7.53 13.41
CA PRO A 95 20.77 -8.01 14.79
C PRO A 95 20.45 -6.98 15.86
N ALA A 96 20.83 -5.72 15.65
CA ALA A 96 20.49 -4.68 16.63
C ALA A 96 18.98 -4.47 16.73
N LEU A 97 18.27 -4.54 15.61
CA LEU A 97 16.81 -4.39 15.66
C LEU A 97 16.18 -5.53 16.43
N ARG A 98 16.59 -6.77 16.14
CA ARG A 98 16.11 -7.92 16.90
C ARG A 98 16.33 -7.75 18.39
N GLU A 99 17.53 -7.29 18.78
CA GLU A 99 17.81 -7.13 20.20
C GLU A 99 16.90 -6.05 20.81
N ALA A 100 16.60 -4.98 20.06
CA ALA A 100 15.73 -3.93 20.58
C ALA A 100 14.30 -4.43 20.76
N ILE A 101 13.82 -5.26 19.82
CA ILE A 101 12.50 -5.88 19.95
C ILE A 101 12.44 -6.75 21.20
N ILE A 102 13.46 -7.56 21.42
CA ILE A 102 13.49 -8.44 22.58
C ILE A 102 13.51 -7.63 23.87
N ALA A 103 14.32 -6.56 23.91
CA ALA A 103 14.41 -5.71 25.10
C ALA A 103 13.09 -5.03 25.45
N GLU A 104 12.19 -4.85 24.48
CA GLU A 104 10.87 -4.30 24.75
C GLU A 104 9.92 -5.29 25.40
N GLY A 105 10.29 -6.57 25.45
CA GLY A 105 9.37 -7.59 25.90
C GLY A 105 8.38 -8.02 24.85
N TRP A 106 8.65 -7.73 23.58
CA TRP A 106 7.67 -7.93 22.52
C TRP A 106 7.67 -9.33 21.93
N LEU A 107 8.74 -10.10 22.11
CA LEU A 107 8.90 -11.35 21.38
C LEU A 107 8.57 -12.55 22.26
N GLU A 108 7.65 -13.38 21.79
CA GLU A 108 7.36 -14.66 22.43
C GLU A 108 8.39 -15.70 21.97
N GLY A 109 9.24 -16.13 22.89
CA GLY A 109 10.19 -17.20 22.61
C GLY A 109 11.08 -16.87 21.43
N GLU A 110 11.18 -17.83 20.50
CA GLU A 110 11.97 -17.67 19.28
C GLU A 110 11.08 -17.43 18.06
N ARG A 111 9.84 -16.98 18.27
CA ARG A 111 8.85 -16.90 17.20
C ARG A 111 8.97 -15.57 16.47
N LEU A 112 10.06 -15.45 15.72
CA LEU A 112 10.41 -14.24 14.98
C LEU A 112 10.58 -14.59 13.51
N ALA A 113 9.88 -13.84 12.65
CA ALA A 113 9.99 -14.01 11.22
C ALA A 113 10.40 -12.69 10.58
N VAL A 114 10.88 -12.78 9.34
N VAL A 114 10.96 -12.78 9.37
CA VAL A 114 11.31 -11.62 8.58
CA VAL A 114 11.26 -11.58 8.59
C VAL A 114 10.69 -11.67 7.19
C VAL A 114 10.55 -11.69 7.26
N ALA A 115 10.17 -10.52 6.72
CA ALA A 115 9.49 -10.46 5.43
C ALA A 115 9.76 -9.12 4.78
N GLY A 116 9.56 -9.05 3.47
CA GLY A 116 9.64 -7.75 2.81
C GLY A 116 9.25 -7.84 1.37
N ALA A 117 9.02 -6.67 0.78
CA ALA A 117 8.68 -6.54 -0.64
C ALA A 117 9.75 -5.76 -1.38
N SER A 118 10.13 -6.24 -2.56
N SER A 118 10.09 -6.21 -2.59
CA SER A 118 11.07 -5.55 -3.46
CA SER A 118 11.01 -5.50 -3.48
C SER A 118 12.43 -5.45 -2.76
C SER A 118 12.38 -5.46 -2.81
N MET A 119 13.01 -4.26 -2.61
N MET A 119 12.99 -4.29 -2.62
CA MET A 119 14.24 -4.12 -1.85
CA MET A 119 14.25 -4.23 -1.89
C MET A 119 14.11 -4.76 -0.47
C MET A 119 14.11 -4.81 -0.49
N GLY A 120 12.92 -4.72 0.10
CA GLY A 120 12.69 -5.36 1.39
C GLY A 120 12.68 -6.87 1.33
N GLY A 121 12.26 -7.45 0.21
CA GLY A 121 12.36 -8.90 0.05
C GLY A 121 13.79 -9.34 -0.17
N MET A 122 14.58 -8.54 -0.88
CA MET A 122 16.02 -8.76 -0.98
C MET A 122 16.64 -8.73 0.42
N THR A 123 16.21 -7.76 1.24
CA THR A 123 16.70 -7.65 2.61
C THR A 123 16.40 -8.92 3.39
N ALA A 124 15.16 -9.41 3.29
CA ALA A 124 14.77 -10.63 4.00
C ALA A 124 15.62 -11.83 3.61
N LEU A 125 15.89 -12.00 2.30
CA LEU A 125 16.69 -13.15 1.88
C LEU A 125 18.13 -13.03 2.36
N GLY A 126 18.71 -11.84 2.27
CA GLY A 126 20.07 -11.68 2.79
C GLY A 126 20.15 -11.94 4.28
N ILE A 127 19.17 -11.47 5.05
CA ILE A 127 19.14 -11.77 6.47
C ILE A 127 19.07 -13.28 6.69
N MET A 128 18.25 -13.96 5.90
CA MET A 128 18.08 -15.40 6.10
C MET A 128 19.38 -16.17 5.92
N THR A 129 20.24 -15.74 5.01
CA THR A 129 21.53 -16.42 4.83
C THR A 129 22.36 -16.41 6.11
N HIS A 130 22.19 -15.39 6.97
CA HIS A 130 22.95 -15.24 8.21
C HIS A 130 22.17 -15.68 9.45
N HIS A 131 20.88 -15.95 9.31
CA HIS A 131 20.01 -16.24 10.47
C HIS A 131 19.02 -17.33 10.15
N PRO A 132 19.50 -18.54 9.83
CA PRO A 132 18.55 -19.64 9.62
C PRO A 132 17.84 -20.11 10.89
N GLU A 133 18.09 -19.50 12.04
CA GLU A 133 17.31 -19.78 13.26
C GLU A 133 15.96 -19.07 13.27
N LEU A 134 15.70 -18.20 12.29
CA LEU A 134 14.40 -17.54 12.21
C LEU A 134 13.28 -18.55 12.02
N ASN A 135 12.07 -18.19 12.43
CA ASN A 135 10.94 -19.11 12.27
C ASN A 135 10.62 -19.35 10.79
N SER A 136 10.60 -18.29 9.99
CA SER A 136 10.16 -18.35 8.61
C SER A 136 10.45 -17.01 7.96
N VAL A 137 10.44 -16.99 6.62
CA VAL A 137 10.86 -15.82 5.85
C VAL A 137 9.96 -15.69 4.64
N ALA A 138 9.64 -14.45 4.27
CA ALA A 138 8.89 -14.16 3.04
C ALA A 138 9.56 -13.08 2.20
N CYS A 139 9.66 -13.34 0.89
CA CYS A 139 10.21 -12.38 -0.06
C CYS A 139 9.20 -12.21 -1.19
N LEU A 140 8.68 -10.99 -1.33
CA LEU A 140 7.68 -10.65 -2.35
C LEU A 140 8.33 -9.74 -3.39
N MET A 141 8.22 -10.14 -4.65
CA MET A 141 8.76 -9.45 -5.83
C MET A 141 10.18 -8.94 -5.58
N GLY A 142 11.03 -9.85 -5.10
CA GLY A 142 12.41 -9.56 -4.80
C GLY A 142 13.40 -10.46 -5.51
N SER A 143 14.58 -10.60 -4.95
CA SER A 143 15.66 -11.39 -5.52
C SER A 143 16.67 -11.67 -4.42
N GLY A 144 17.43 -12.76 -4.59
CA GLY A 144 18.59 -13.01 -3.75
C GLY A 144 19.90 -12.91 -4.48
N TYR A 145 19.84 -12.60 -5.78
CA TYR A 145 21.01 -12.64 -6.66
C TYR A 145 21.62 -11.24 -6.80
N PHE A 146 22.19 -10.77 -5.70
CA PHE A 146 22.59 -9.36 -5.60
C PHE A 146 23.75 -9.02 -6.53
N ARG A 147 24.73 -9.91 -6.65
CA ARG A 147 25.87 -9.62 -7.51
C ARG A 147 25.41 -9.40 -8.96
N SER A 148 24.55 -10.29 -9.44
N SER A 148 24.54 -10.28 -9.46
CA SER A 148 24.02 -10.20 -10.81
CA SER A 148 24.09 -10.13 -10.84
C SER A 148 23.14 -8.98 -10.99
C SER A 148 23.15 -8.94 -11.00
N LEU A 149 22.15 -8.83 -10.13
CA LEU A 149 21.12 -7.80 -10.33
C LEU A 149 21.66 -6.39 -10.17
N SER A 150 22.69 -6.20 -9.32
CA SER A 150 23.28 -4.89 -9.11
C SER A 150 24.01 -4.38 -10.33
N GLN A 151 24.22 -5.19 -11.36
CA GLN A 151 24.85 -4.71 -12.58
C GLN A 151 23.90 -3.91 -13.45
N THR A 152 22.58 -4.04 -13.27
CA THR A 152 21.59 -3.43 -14.16
C THR A 152 20.50 -2.64 -13.43
N LEU A 153 20.03 -3.11 -12.28
CA LEU A 153 18.96 -2.47 -11.53
C LEU A 153 19.56 -1.45 -10.57
N PHE A 154 19.22 -0.18 -10.74
CA PHE A 154 19.76 0.91 -9.93
C PHE A 154 21.26 0.73 -9.62
N PRO A 155 22.11 0.57 -10.64
CA PRO A 155 23.53 0.35 -10.31
C PRO A 155 24.10 1.50 -9.51
N SER A 156 24.96 1.18 -8.54
CA SER A 156 25.49 2.18 -7.62
C SER A 156 26.94 2.50 -7.97
N PRO A 157 27.26 3.73 -8.38
CA PRO A 157 28.66 4.07 -8.67
C PRO A 157 29.50 4.07 -7.41
N ASP A 158 30.80 3.84 -7.58
CA ASP A 158 31.74 3.86 -6.44
C ASP A 158 31.31 2.92 -5.30
N PHE A 159 30.72 1.79 -5.65
CA PHE A 159 30.35 0.75 -4.70
C PHE A 159 30.96 -0.54 -5.21
N ASP A 160 31.69 -1.25 -4.36
CA ASP A 160 32.36 -2.48 -4.75
C ASP A 160 31.37 -3.62 -4.64
N VAL A 161 31.07 -4.27 -5.78
CA VAL A 161 30.12 -5.39 -5.79
C VAL A 161 30.56 -6.50 -4.87
N ASP A 162 31.87 -6.62 -4.58
CA ASP A 162 32.34 -7.65 -3.66
C ASP A 162 31.75 -7.49 -2.26
N SER A 163 31.26 -6.30 -1.93
CA SER A 163 30.58 -6.09 -0.65
C SER A 163 29.32 -6.91 -0.51
N LEU A 164 28.79 -7.42 -1.63
CA LEU A 164 27.58 -8.21 -1.61
C LEU A 164 27.87 -9.71 -1.50
N ASN A 165 29.15 -10.10 -1.54
CA ASN A 165 29.50 -11.52 -1.60
C ASN A 165 28.93 -12.31 -0.42
N GLU A 166 29.00 -11.76 0.79
CA GLU A 166 28.56 -12.57 1.92
C GLU A 166 27.05 -12.75 1.99
N TRP A 167 26.29 -11.95 1.23
CA TRP A 167 24.84 -11.91 1.32
C TRP A 167 24.13 -12.58 0.15
N ASP A 168 24.78 -12.59 -1.02
CA ASP A 168 24.19 -13.19 -2.21
C ASP A 168 23.85 -14.64 -1.93
N VAL A 169 22.67 -15.08 -2.41
CA VAL A 169 22.18 -16.39 -2.01
C VAL A 169 22.81 -17.55 -2.77
N SER A 170 23.65 -17.28 -3.76
CA SER A 170 24.19 -18.35 -4.62
C SER A 170 24.92 -19.43 -3.83
N HIS A 171 25.74 -19.07 -2.84
CA HIS A 171 26.45 -20.04 -2.03
C HIS A 171 25.81 -20.21 -0.66
N GLN A 172 24.49 -19.97 -0.58
CA GLN A 172 23.80 -20.00 0.70
C GLN A 172 22.45 -20.71 0.57
N LEU A 173 22.24 -21.53 -0.48
CA LEU A 173 20.93 -22.14 -0.70
C LEU A 173 20.49 -23.06 0.43
N ALA A 174 21.41 -23.77 1.07
CA ALA A 174 21.00 -24.66 2.17
C ALA A 174 20.47 -23.87 3.37
N SER A 175 20.93 -22.62 3.57
CA SER A 175 20.34 -21.79 4.61
C SER A 175 18.92 -21.36 4.25
N LEU A 176 18.68 -21.05 2.98
CA LEU A 176 17.32 -20.72 2.55
C LEU A 176 16.39 -21.93 2.64
N ALA A 177 16.94 -23.14 2.61
CA ALA A 177 16.17 -24.37 2.70
C ALA A 177 15.90 -24.79 4.13
N ARG A 178 16.55 -24.12 5.10
CA ARG A 178 16.51 -24.59 6.49
C ARG A 178 15.17 -24.33 7.16
N ARG A 179 14.43 -23.34 6.69
N ARG A 179 14.43 -23.32 6.71
CA ARG A 179 13.20 -22.88 7.32
CA ARG A 179 13.20 -22.90 7.34
C ARG A 179 12.15 -22.66 6.25
C ARG A 179 12.16 -22.61 6.27
N PRO A 180 10.88 -22.59 6.62
CA PRO A 180 9.84 -22.23 5.64
C PRO A 180 10.14 -20.89 4.98
N LEU A 181 10.06 -20.88 3.65
CA LEU A 181 10.35 -19.69 2.85
C LEU A 181 9.23 -19.50 1.86
N LEU A 182 8.66 -18.29 1.84
CA LEU A 182 7.67 -17.90 0.82
C LEU A 182 8.37 -17.01 -0.22
N LEU A 183 8.29 -17.41 -1.48
CA LEU A 183 8.67 -16.55 -2.59
C LEU A 183 7.40 -16.23 -3.39
N TRP A 184 7.09 -14.95 -3.54
CA TRP A 184 5.94 -14.52 -4.33
C TRP A 184 6.44 -13.60 -5.43
N HIS A 185 5.86 -13.70 -6.61
CA HIS A 185 6.24 -12.78 -7.69
C HIS A 185 5.11 -12.69 -8.71
N GLY A 186 4.87 -11.49 -9.23
CA GLY A 186 3.98 -11.35 -10.37
C GLY A 186 4.73 -11.75 -11.63
N ASP A 187 4.07 -12.51 -12.50
CA ASP A 187 4.79 -13.06 -13.64
C ASP A 187 5.01 -12.04 -14.76
N ALA A 188 4.52 -10.81 -14.59
CA ALA A 188 4.69 -9.73 -15.56
C ALA A 188 5.48 -8.56 -14.96
N ASP A 189 6.24 -8.81 -13.91
CA ASP A 189 6.99 -7.74 -13.25
C ASP A 189 7.98 -7.10 -14.23
N ASP A 190 7.90 -5.78 -14.38
CA ASP A 190 8.75 -5.03 -15.30
C ASP A 190 9.82 -4.21 -14.55
N VAL A 191 10.02 -4.47 -13.27
CA VAL A 191 11.03 -3.79 -12.45
C VAL A 191 12.04 -4.80 -11.94
N VAL A 192 11.59 -5.76 -11.15
CA VAL A 192 12.43 -6.88 -10.72
C VAL A 192 12.04 -8.08 -11.59
N PRO A 193 12.89 -8.54 -12.51
CA PRO A 193 12.49 -9.59 -13.44
C PRO A 193 12.00 -10.83 -12.70
N PRO A 194 10.87 -11.40 -13.14
CA PRO A 194 10.38 -12.66 -12.53
C PRO A 194 11.43 -13.77 -12.52
N GLU A 195 12.35 -13.76 -13.47
CA GLU A 195 13.41 -14.76 -13.50
C GLU A 195 14.25 -14.75 -12.23
N GLU A 196 14.36 -13.62 -11.52
CA GLU A 196 15.08 -13.64 -10.24
C GLU A 196 14.51 -14.71 -9.31
N THR A 197 13.18 -14.76 -9.21
CA THR A 197 12.53 -15.74 -8.35
C THR A 197 12.48 -17.13 -8.99
N PHE A 198 12.23 -17.20 -10.30
CA PHE A 198 12.22 -18.51 -10.96
C PHE A 198 13.57 -19.21 -10.85
N ARG A 199 14.65 -18.45 -11.00
CA ARG A 199 15.99 -19.05 -10.93
C ARG A 199 16.23 -19.65 -9.55
N LEU A 200 15.80 -18.93 -8.50
CA LEU A 200 15.97 -19.41 -7.14
C LEU A 200 15.11 -20.64 -6.88
N GLU A 201 13.85 -20.61 -7.31
CA GLU A 201 12.99 -21.78 -7.13
C GLU A 201 13.60 -23.00 -7.81
N GLN A 202 14.10 -22.82 -9.04
CA GLN A 202 14.66 -23.95 -9.76
C GLN A 202 15.97 -24.43 -9.14
N ALA A 203 16.79 -23.52 -8.64
CA ALA A 203 18.02 -23.94 -7.96
C ALA A 203 17.71 -24.75 -6.70
N LEU A 204 16.71 -24.33 -5.93
CA LEU A 204 16.35 -25.08 -4.74
C LEU A 204 15.78 -26.45 -5.11
N ARG A 205 14.91 -26.50 -6.12
CA ARG A 205 14.33 -27.79 -6.51
C ARG A 205 15.38 -28.74 -7.10
N GLN A 206 16.27 -28.22 -7.96
CA GLN A 206 17.29 -29.06 -8.57
C GLN A 206 18.31 -29.57 -7.55
N GLY A 207 18.52 -28.84 -6.46
CA GLY A 207 19.44 -29.23 -5.42
C GLY A 207 18.83 -30.08 -4.32
N ASP A 208 17.57 -30.46 -4.44
CA ASP A 208 16.87 -31.24 -3.40
C ASP A 208 16.79 -30.43 -2.10
N LEU A 209 16.54 -29.13 -2.25
CA LEU A 209 16.54 -28.17 -1.15
C LEU A 209 15.21 -27.39 -1.10
N ALA A 210 14.13 -27.99 -1.58
CA ALA A 210 12.85 -27.31 -1.72
C ALA A 210 11.74 -27.84 -0.80
N ALA A 211 12.07 -28.71 0.15
CA ALA A 211 11.03 -29.29 1.01
C ALA A 211 10.28 -28.27 1.85
N ARG A 212 10.87 -27.10 2.11
CA ARG A 212 10.23 -26.08 2.93
C ARG A 212 9.85 -24.83 2.14
N LEU A 213 9.89 -24.92 0.80
CA LEU A 213 9.66 -23.77 -0.07
C LEU A 213 8.21 -23.69 -0.51
N THR A 214 7.62 -22.51 -0.36
CA THR A 214 6.34 -22.15 -0.97
C THR A 214 6.64 -21.08 -2.02
N CYS A 215 6.34 -21.37 -3.28
CA CYS A 215 6.55 -20.42 -4.37
C CYS A 215 5.21 -20.16 -5.04
N VAL A 216 4.82 -18.89 -5.08
CA VAL A 216 3.52 -18.49 -5.62
C VAL A 216 3.74 -17.47 -6.72
N TRP A 217 3.15 -17.72 -7.87
CA TRP A 217 3.15 -16.80 -9.00
C TRP A 217 1.76 -16.26 -9.20
N GLN A 218 1.64 -14.99 -9.58
CA GLN A 218 0.34 -14.45 -9.97
C GLN A 218 0.38 -14.00 -11.42
N LYS A 219 -0.47 -14.61 -12.24
N LYS A 219 -0.50 -14.58 -12.24
CA LYS A 219 -0.45 -14.35 -13.67
CA LYS A 219 -0.45 -14.37 -13.67
C LYS A 219 -0.84 -12.91 -13.96
C LYS A 219 -0.89 -12.96 -14.04
N GLY A 220 -0.10 -12.29 -14.89
CA GLY A 220 -0.44 -10.98 -15.39
C GLY A 220 -0.11 -9.82 -14.48
N VAL A 221 0.41 -10.06 -13.30
CA VAL A 221 0.65 -9.00 -12.32
C VAL A 221 2.05 -8.44 -12.52
N ARG A 222 2.18 -7.11 -12.48
CA ARG A 222 3.47 -6.46 -12.63
C ARG A 222 4.10 -6.21 -11.26
N HIS A 223 4.80 -5.09 -11.05
CA HIS A 223 5.50 -4.84 -9.80
C HIS A 223 4.57 -4.18 -8.78
N ARG A 224 3.63 -4.97 -8.28
CA ARG A 224 2.66 -4.47 -7.33
C ARG A 224 2.12 -5.60 -6.46
N ILE A 225 1.86 -5.29 -5.19
CA ILE A 225 1.26 -6.24 -4.26
C ILE A 225 -0.25 -6.21 -4.42
N THR A 226 -0.84 -7.36 -4.69
CA THR A 226 -2.27 -7.53 -4.89
C THR A 226 -2.93 -8.02 -3.60
N PRO A 227 -4.28 -7.96 -3.54
CA PRO A 227 -4.99 -8.62 -2.40
C PRO A 227 -4.63 -10.09 -2.26
N GLU A 228 -4.42 -10.79 -3.38
CA GLU A 228 -4.04 -12.21 -3.34
C GLU A 228 -2.65 -12.41 -2.75
N ALA A 229 -1.71 -11.54 -3.09
CA ALA A 229 -0.37 -11.62 -2.51
C ALA A 229 -0.42 -11.39 -1.00
N LEU A 230 -1.22 -10.42 -0.58
CA LEU A 230 -1.34 -10.13 0.84
C LEU A 230 -1.97 -11.31 1.58
N ALA A 231 -3.04 -11.90 1.01
CA ALA A 231 -3.68 -13.06 1.63
C ALA A 231 -2.73 -14.26 1.68
N THR A 232 -1.93 -14.45 0.62
CA THR A 232 -0.94 -15.52 0.60
C THR A 232 0.08 -15.35 1.72
N THR A 233 0.52 -14.11 1.95
CA THR A 233 1.49 -13.84 3.00
C THR A 233 0.91 -14.15 4.38
N VAL A 234 -0.31 -13.70 4.64
CA VAL A 234 -0.96 -13.99 5.92
C VAL A 234 -1.12 -15.49 6.11
N ALA A 235 -1.62 -16.19 5.09
CA ALA A 235 -1.84 -17.63 5.22
C ALA A 235 -0.53 -18.38 5.46
N PHE A 236 0.55 -17.94 4.82
CA PHE A 236 1.85 -18.56 5.02
C PHE A 236 2.28 -18.45 6.49
N PHE A 237 2.20 -17.24 7.05
CA PHE A 237 2.63 -17.10 8.44
C PHE A 237 1.70 -17.83 9.40
N GLN A 238 0.41 -17.95 9.07
CA GLN A 238 -0.50 -18.77 9.88
C GLN A 238 -0.13 -20.24 9.88
N GLN A 239 0.64 -20.71 8.89
CA GLN A 239 1.02 -22.12 8.84
C GLN A 239 2.42 -22.38 9.42
N HIS A 240 3.15 -21.35 9.81
CA HIS A 240 4.50 -21.59 10.32
C HIS A 240 4.81 -20.83 11.60
N LEU A 241 4.35 -19.59 11.72
CA LEU A 241 4.71 -18.76 12.85
C LEU A 241 3.69 -18.85 13.97
N ALA A 242 2.42 -18.94 13.63
CA ALA A 242 1.32 -19.08 14.58
C ALA A 242 1.36 -20.46 15.26
N MET B 4 -1.10 6.99 18.94
CA MET B 4 -1.55 5.61 18.77
C MET B 4 -2.93 5.60 18.09
N ILE B 5 -3.09 4.76 17.09
CA ILE B 5 -4.35 4.68 16.37
C ILE B 5 -4.99 3.31 16.57
N ALA B 6 -6.30 3.28 16.40
CA ALA B 6 -7.10 2.06 16.46
C ALA B 6 -7.64 1.79 15.06
N LEU B 7 -7.70 0.53 14.68
N LEU B 7 -7.67 0.52 14.68
CA LEU B 7 -8.25 0.16 13.40
CA LEU B 7 -8.22 0.10 13.39
C LEU B 7 -9.06 -1.11 13.57
C LEU B 7 -9.09 -1.11 13.61
N GLU B 8 -10.24 -1.13 12.95
CA GLU B 8 -11.16 -2.26 13.06
C GLU B 8 -11.91 -2.43 11.76
N MET B 9 -12.41 -3.66 11.55
CA MET B 9 -13.43 -3.92 10.55
C MET B 9 -14.80 -3.89 11.21
N ARG B 10 -15.75 -3.26 10.55
CA ARG B 10 -17.12 -3.17 11.05
C ARG B 10 -18.08 -3.53 9.94
N ASN B 11 -19.19 -4.16 10.31
CA ASN B 11 -20.20 -4.56 9.33
C ASN B 11 -21.36 -3.59 9.53
N LEU B 12 -21.62 -2.77 8.52
CA LEU B 12 -22.73 -1.83 8.54
C LEU B 12 -23.73 -2.25 7.47
N GLY B 13 -24.88 -2.78 7.89
CA GLY B 13 -25.95 -3.09 6.98
C GLY B 13 -25.61 -4.10 5.91
N GLY B 14 -24.70 -5.03 6.19
CA GLY B 14 -24.33 -6.03 5.22
C GLY B 14 -23.12 -5.67 4.39
N GLY B 15 -22.48 -4.53 4.66
CA GLY B 15 -21.25 -4.16 4.00
C GLY B 15 -20.11 -3.98 4.99
N GLU B 16 -18.95 -4.54 4.70
CA GLU B 16 -17.83 -4.46 5.61
C GLU B 16 -17.02 -3.21 5.32
N ILE B 17 -16.69 -2.47 6.37
CA ILE B 17 -15.88 -1.26 6.24
C ILE B 17 -14.67 -1.34 7.15
N LEU B 18 -13.59 -0.70 6.73
CA LEU B 18 -12.42 -0.53 7.57
C LEU B 18 -12.51 0.87 8.19
N HIS B 19 -12.32 0.94 9.51
CA HIS B 19 -12.44 2.18 10.28
C HIS B 19 -11.13 2.36 11.03
N ALA B 20 -10.53 3.55 10.90
CA ALA B 20 -9.35 3.91 11.67
C ALA B 20 -9.53 5.30 12.27
N CYS B 21 -9.01 5.48 13.48
CA CYS B 21 -9.10 6.78 14.15
C CYS B 21 -8.10 6.79 15.29
N PRO B 22 -7.78 7.98 15.82
CA PRO B 22 -6.96 8.02 17.04
C PRO B 22 -7.62 7.23 18.16
N GLN B 23 -6.80 6.48 18.91
CA GLN B 23 -7.35 5.66 20.00
C GLN B 23 -8.11 6.50 21.02
N GLU B 24 -7.60 7.68 21.35
CA GLU B 24 -8.24 8.51 22.35
C GLU B 24 -9.60 9.03 21.90
N SER B 25 -9.94 8.87 20.62
CA SER B 25 -11.18 9.44 20.07
C SER B 25 -12.18 8.39 19.63
N LEU B 26 -12.03 7.13 20.06
CA LEU B 26 -12.93 6.06 19.62
C LEU B 26 -14.40 6.37 19.94
N ASP B 27 -14.67 7.07 21.03
CA ASP B 27 -16.04 7.32 21.46
C ASP B 27 -16.51 8.74 21.16
N LYS B 28 -15.87 9.42 20.21
CA LYS B 28 -16.16 10.80 19.90
C LYS B 28 -16.35 10.99 18.40
N PRO B 29 -17.21 11.92 18.00
CA PRO B 29 -17.26 12.29 16.58
C PRO B 29 -15.98 13.01 16.17
N LEU B 30 -15.63 12.90 14.89
CA LEU B 30 -14.42 13.47 14.33
C LEU B 30 -14.70 13.93 12.92
N PRO B 31 -13.85 14.80 12.37
CA PRO B 31 -13.83 14.97 10.91
C PRO B 31 -13.47 13.65 10.26
N CYS B 32 -14.21 13.29 9.21
CA CYS B 32 -14.12 11.98 8.57
C CYS B 32 -13.71 12.11 7.11
N ILE B 33 -12.88 11.17 6.67
CA ILE B 33 -12.50 11.03 5.27
C ILE B 33 -12.94 9.65 4.82
N VAL B 34 -13.73 9.58 3.75
CA VAL B 34 -14.01 8.31 3.10
C VAL B 34 -12.96 8.12 2.01
N PHE B 35 -12.23 7.00 2.05
CA PHE B 35 -11.19 6.71 1.07
C PHE B 35 -11.55 5.49 0.24
N TYR B 36 -11.55 5.64 -1.10
CA TYR B 36 -11.93 4.60 -2.06
C TYR B 36 -10.68 4.00 -2.73
N HIS B 37 -10.58 2.67 -2.66
CA HIS B 37 -9.45 1.91 -3.20
C HIS B 37 -9.54 1.75 -4.73
N GLY B 38 -8.46 1.22 -5.31
CA GLY B 38 -8.38 1.05 -6.75
C GLY B 38 -8.94 -0.29 -7.29
N PHE B 39 -9.03 -0.37 -8.62
CA PHE B 39 -9.63 -1.53 -9.29
C PHE B 39 -8.74 -2.76 -9.18
N THR B 40 -9.35 -3.90 -8.85
CA THR B 40 -8.73 -5.18 -8.50
C THR B 40 -7.93 -5.13 -7.19
N SER B 41 -7.95 -4.02 -6.49
CA SER B 41 -7.31 -3.92 -5.18
C SER B 41 -8.37 -4.12 -4.09
N SER B 42 -8.10 -3.62 -2.89
CA SER B 42 -9.06 -3.76 -1.81
C SER B 42 -8.81 -2.68 -0.77
N LYS B 43 -9.77 -2.54 0.15
CA LYS B 43 -9.61 -1.58 1.23
C LYS B 43 -8.43 -1.96 2.13
N LEU B 44 -8.13 -3.26 2.26
CA LEU B 44 -7.01 -3.66 3.09
C LEU B 44 -5.68 -3.29 2.44
N VAL B 45 -5.54 -3.48 1.12
CA VAL B 45 -4.31 -3.12 0.43
C VAL B 45 -4.09 -1.60 0.47
N TYR B 46 -5.17 -0.81 0.48
CA TYR B 46 -5.06 0.63 0.54
C TYR B 46 -5.15 1.18 1.97
N SER B 47 -5.10 0.30 2.98
CA SER B 47 -5.34 0.73 4.37
C SER B 47 -4.23 1.63 4.89
N TYR B 48 -3.08 1.73 4.20
CA TYR B 48 -2.06 2.68 4.62
C TYR B 48 -2.58 4.13 4.57
N PHE B 49 -3.56 4.44 3.70
CA PHE B 49 -4.17 5.77 3.74
C PHE B 49 -4.89 6.00 5.07
N ALA B 50 -5.59 4.97 5.57
CA ALA B 50 -6.25 5.08 6.86
C ALA B 50 -5.25 5.25 7.99
N VAL B 51 -4.13 4.52 7.95
CA VAL B 51 -3.08 4.71 8.95
C VAL B 51 -2.56 6.14 8.93
N ALA B 52 -2.18 6.62 7.74
CA ALA B 52 -1.58 7.94 7.63
C ALA B 52 -2.53 9.04 8.07
N LEU B 53 -3.79 8.97 7.63
CA LEU B 53 -4.73 10.05 7.96
C LEU B 53 -5.20 9.97 9.41
N ALA B 54 -5.32 8.77 9.97
CA ALA B 54 -5.65 8.66 11.40
C ALA B 54 -4.52 9.19 12.26
N GLU B 55 -3.26 8.95 11.84
N GLU B 55 -3.26 8.96 11.86
CA GLU B 55 -2.13 9.51 12.58
CA GLU B 55 -2.14 9.51 12.59
C GLU B 55 -2.11 11.03 12.55
C GLU B 55 -2.17 11.04 12.59
N ALA B 56 -2.81 11.64 11.58
CA ALA B 56 -2.96 13.08 11.51
C ALA B 56 -4.19 13.58 12.27
N GLY B 57 -4.94 12.68 12.91
CA GLY B 57 -6.06 13.06 13.74
C GLY B 57 -7.43 12.84 13.13
N PHE B 58 -7.51 12.30 11.93
CA PHE B 58 -8.81 12.11 11.27
C PHE B 58 -9.38 10.71 11.57
N ARG B 59 -10.69 10.60 11.39
CA ARG B 59 -11.34 9.30 11.28
C ARG B 59 -11.43 8.94 9.80
N VAL B 60 -11.07 7.71 9.45
CA VAL B 60 -11.08 7.27 8.06
C VAL B 60 -12.01 6.07 7.94
N ILE B 61 -12.85 6.10 6.92
CA ILE B 61 -13.79 5.03 6.61
C ILE B 61 -13.47 4.55 5.20
N MET B 62 -13.18 3.25 5.07
CA MET B 62 -12.88 2.65 3.76
C MET B 62 -13.84 1.53 3.42
N PRO B 63 -14.66 1.69 2.39
CA PRO B 63 -15.59 0.62 1.97
C PRO B 63 -14.98 -0.27 0.87
N ASP B 64 -15.67 -1.38 0.61
CA ASP B 64 -15.39 -2.23 -0.57
C ASP B 64 -16.12 -1.69 -1.77
N ALA B 65 -15.43 -1.60 -2.90
CA ALA B 65 -16.13 -1.37 -4.16
C ALA B 65 -16.93 -2.61 -4.53
N PRO B 66 -17.97 -2.47 -5.35
CA PRO B 66 -18.67 -3.65 -5.85
C PRO B 66 -17.68 -4.64 -6.46
N GLU B 67 -17.86 -5.91 -6.13
CA GLU B 67 -17.03 -7.02 -6.60
C GLU B 67 -15.62 -6.99 -6.05
N HIS B 68 -15.37 -6.26 -4.98
CA HIS B 68 -14.04 -6.18 -4.38
C HIS B 68 -14.08 -6.49 -2.88
N GLY B 69 -12.95 -6.93 -2.34
CA GLY B 69 -12.87 -7.20 -0.91
C GLY B 69 -13.85 -8.28 -0.50
N ALA B 70 -14.61 -8.02 0.55
CA ALA B 70 -15.63 -8.98 0.98
C ALA B 70 -16.75 -9.16 -0.03
N ARG B 71 -16.89 -8.26 -1.01
CA ARG B 71 -17.91 -8.38 -2.04
C ARG B 71 -17.44 -9.20 -3.23
N TYR B 72 -16.16 -9.57 -3.28
CA TYR B 72 -15.62 -10.42 -4.32
C TYR B 72 -15.92 -11.86 -3.97
N GLN B 73 -16.69 -12.53 -4.79
CA GLN B 73 -17.03 -13.93 -4.53
C GLN B 73 -16.65 -14.83 -5.69
N GLY B 74 -15.62 -14.44 -6.43
CA GLY B 74 -15.20 -15.15 -7.62
C GLY B 74 -15.51 -14.34 -8.87
N ASP B 75 -15.33 -14.99 -10.02
CA ASP B 75 -15.53 -14.38 -11.33
C ASP B 75 -14.52 -13.26 -11.58
N GLU B 76 -13.24 -13.65 -11.54
CA GLU B 76 -12.16 -12.72 -11.88
C GLU B 76 -12.33 -12.18 -13.29
N ALA B 77 -12.60 -13.07 -14.26
CA ALA B 77 -12.70 -12.67 -15.65
C ALA B 77 -13.89 -11.75 -15.86
N GLY B 78 -15.02 -12.07 -15.23
CA GLY B 78 -16.19 -11.21 -15.36
C GLY B 78 -15.96 -9.83 -14.79
N ARG B 79 -15.25 -9.74 -13.66
CA ARG B 79 -15.01 -8.45 -13.05
C ARG B 79 -14.23 -7.52 -13.98
N MET B 80 -13.26 -8.08 -14.73
CA MET B 80 -12.51 -7.29 -15.71
C MET B 80 -13.39 -6.70 -16.79
N GLN B 81 -14.56 -7.25 -17.02
CA GLN B 81 -15.48 -6.76 -18.04
C GLN B 81 -16.49 -5.76 -17.48
N ARG B 82 -16.41 -5.45 -16.18
CA ARG B 82 -17.43 -4.66 -15.50
C ARG B 82 -16.86 -3.45 -14.74
N PHE B 83 -15.69 -2.96 -15.16
CA PHE B 83 -15.09 -1.77 -14.53
C PHE B 83 -16.09 -0.61 -14.45
N TRP B 84 -16.73 -0.30 -15.58
CA TRP B 84 -17.57 0.91 -15.65
C TRP B 84 -18.88 0.77 -14.87
N PRO B 85 -19.59 -0.36 -14.94
CA PRO B 85 -20.74 -0.52 -14.02
C PRO B 85 -20.35 -0.56 -12.56
N ILE B 86 -19.17 -1.10 -12.23
CA ILE B 86 -18.69 -1.07 -10.85
C ILE B 86 -18.46 0.37 -10.40
N LEU B 87 -17.79 1.17 -11.24
CA LEU B 87 -17.55 2.57 -10.90
C LEU B 87 -18.87 3.32 -10.69
N GLN B 88 -19.82 3.15 -11.62
CA GLN B 88 -21.09 3.85 -11.51
C GLN B 88 -21.82 3.48 -10.23
N GLN B 89 -21.81 2.20 -9.86
CA GLN B 89 -22.46 1.82 -8.62
C GLN B 89 -21.72 2.37 -7.41
N ASN B 90 -20.38 2.49 -7.48
CA ASN B 90 -19.61 3.14 -6.43
C ASN B 90 -20.10 4.58 -6.18
N PHE B 91 -20.38 5.34 -7.27
CA PHE B 91 -20.94 6.68 -7.09
C PHE B 91 -22.24 6.62 -6.30
N ARG B 92 -23.12 5.69 -6.69
CA ARG B 92 -24.49 5.66 -6.22
C ARG B 92 -24.60 5.28 -4.76
N GLU B 93 -23.60 4.58 -4.22
CA GLU B 93 -23.61 4.10 -2.85
C GLU B 93 -23.22 5.15 -1.83
N PHE B 94 -22.72 6.32 -2.26
CA PHE B 94 -22.21 7.28 -1.29
C PHE B 94 -23.27 7.77 -0.30
N PRO B 95 -24.48 8.17 -0.71
CA PRO B 95 -25.43 8.68 0.28
C PRO B 95 -25.76 7.67 1.37
N ALA B 96 -25.92 6.40 1.01
CA ALA B 96 -26.21 5.40 2.04
C ALA B 96 -25.03 5.20 2.97
N LEU B 97 -23.80 5.26 2.43
CA LEU B 97 -22.62 5.13 3.27
C LEU B 97 -22.52 6.30 4.26
N ARG B 98 -22.75 7.52 3.77
CA ARG B 98 -22.75 8.68 4.68
C ARG B 98 -23.78 8.52 5.78
N GLU B 99 -24.99 8.07 5.44
CA GLU B 99 -26.03 7.88 6.45
C GLU B 99 -25.59 6.87 7.50
N ALA B 100 -24.91 5.81 7.08
CA ALA B 100 -24.44 4.79 8.02
C ALA B 100 -23.37 5.36 8.94
N ILE B 101 -22.46 6.17 8.39
CA ILE B 101 -21.43 6.81 9.19
C ILE B 101 -22.05 7.71 10.25
N ILE B 102 -23.04 8.51 9.86
CA ILE B 102 -23.70 9.40 10.80
C ILE B 102 -24.41 8.59 11.88
N ALA B 103 -25.07 7.50 11.50
CA ALA B 103 -25.79 6.67 12.45
C ALA B 103 -24.89 6.06 13.51
N GLU B 104 -23.60 5.88 13.20
CA GLU B 104 -22.64 5.39 14.18
C GLU B 104 -22.17 6.46 15.16
N GLY B 105 -22.54 7.73 14.94
CA GLY B 105 -21.98 8.80 15.74
C GLY B 105 -20.56 9.17 15.37
N TRP B 106 -20.10 8.78 14.19
CA TRP B 106 -18.70 8.94 13.82
C TRP B 106 -18.37 10.32 13.29
N LEU B 107 -19.37 11.06 12.81
CA LEU B 107 -19.11 12.27 12.03
C LEU B 107 -19.42 13.52 12.86
N GLU B 108 -18.44 14.40 12.95
CA GLU B 108 -18.63 15.70 13.59
C GLU B 108 -19.25 16.66 12.57
N GLY B 109 -20.51 17.01 12.79
CA GLY B 109 -21.18 18.00 11.96
C GLY B 109 -21.19 17.60 10.50
N GLU B 110 -20.75 18.52 9.64
CA GLU B 110 -20.64 18.28 8.21
C GLU B 110 -19.20 18.17 7.75
N ARG B 111 -18.29 17.81 8.65
CA ARG B 111 -16.85 17.81 8.36
C ARG B 111 -16.45 16.48 7.73
N LEU B 112 -16.87 16.30 6.47
CA LEU B 112 -16.74 15.05 5.73
C LEU B 112 -16.07 15.34 4.39
N ALA B 113 -15.04 14.57 4.07
CA ALA B 113 -14.32 14.69 2.80
C ALA B 113 -14.26 13.31 2.15
N VAL B 114 -13.93 13.30 0.85
N VAL B 114 -14.02 13.30 0.83
CA VAL B 114 -13.91 12.07 0.06
CA VAL B 114 -13.88 12.05 0.09
C VAL B 114 -12.64 12.06 -0.79
C VAL B 114 -12.55 12.08 -0.65
N ALA B 115 -11.99 10.88 -0.87
CA ALA B 115 -10.72 10.75 -1.57
C ALA B 115 -10.62 9.35 -2.14
N GLY B 116 -9.74 9.19 -3.12
CA GLY B 116 -9.46 7.85 -3.60
C GLY B 116 -8.32 7.84 -4.58
N ALA B 117 -7.85 6.63 -4.87
CA ALA B 117 -6.78 6.42 -5.84
C ALA B 117 -7.29 5.60 -7.01
N SER B 118 -6.95 6.03 -8.22
N SER B 118 -6.90 6.00 -8.22
CA SER B 118 -7.25 5.28 -9.46
CA SER B 118 -7.20 5.26 -9.45
C SER B 118 -8.76 5.22 -9.63
C SER B 118 -8.71 5.24 -9.63
N MET B 119 -9.36 4.04 -9.78
N MET B 119 -9.34 4.07 -9.76
CA MET B 119 -10.81 3.93 -9.80
CA MET B 119 -10.79 4.00 -9.83
C MET B 119 -11.45 4.62 -8.61
C MET B 119 -11.44 4.65 -8.61
N GLY B 120 -10.77 4.60 -7.45
CA GLY B 120 -11.27 5.31 -6.29
C GLY B 120 -11.21 6.82 -6.42
N GLY B 121 -10.21 7.34 -7.14
CA GLY B 121 -10.17 8.78 -7.40
C GLY B 121 -11.25 9.21 -8.38
N MET B 122 -11.47 8.40 -9.43
CA MET B 122 -12.68 8.55 -10.25
C MET B 122 -13.96 8.59 -9.42
N THR B 123 -14.07 7.67 -8.46
CA THR B 123 -15.24 7.64 -7.60
C THR B 123 -15.39 8.95 -6.85
N ALA B 124 -14.30 9.46 -6.28
CA ALA B 124 -14.33 10.70 -5.52
C ALA B 124 -14.79 11.88 -6.38
N LEU B 125 -14.27 11.98 -7.61
CA LEU B 125 -14.70 13.07 -8.51
C LEU B 125 -16.18 12.95 -8.85
N GLY B 126 -16.66 11.74 -9.17
CA GLY B 126 -18.08 11.60 -9.49
C GLY B 126 -18.97 11.97 -8.33
N ILE B 127 -18.58 11.56 -7.12
CA ILE B 127 -19.31 11.96 -5.92
C ILE B 127 -19.32 13.49 -5.77
N MET B 128 -18.16 14.13 -5.93
CA MET B 128 -18.09 15.59 -5.93
C MET B 128 -19.18 16.24 -6.77
N THR B 129 -19.37 15.75 -8.00
CA THR B 129 -20.29 16.43 -8.91
C THR B 129 -21.68 16.51 -8.33
N HIS B 130 -22.06 15.58 -7.47
CA HIS B 130 -23.41 15.52 -6.91
C HIS B 130 -23.47 15.99 -5.45
N HIS B 131 -22.36 16.34 -4.82
CA HIS B 131 -22.32 16.61 -3.39
C HIS B 131 -21.48 17.83 -3.06
N PRO B 132 -22.00 19.03 -3.38
CA PRO B 132 -21.26 20.26 -3.07
C PRO B 132 -21.18 20.57 -1.59
N GLU B 133 -21.90 19.82 -0.74
CA GLU B 133 -21.83 20.01 0.70
C GLU B 133 -20.59 19.39 1.34
N LEU B 134 -19.81 18.61 0.59
CA LEU B 134 -18.59 18.01 1.13
C LEU B 134 -17.55 19.09 1.43
N ASN B 135 -16.65 18.77 2.35
CA ASN B 135 -15.60 19.74 2.71
C ASN B 135 -14.56 19.90 1.59
N SER B 136 -14.10 18.78 1.01
CA SER B 136 -12.98 18.78 0.06
C SER B 136 -12.89 17.38 -0.54
N VAL B 137 -12.14 17.27 -1.63
CA VAL B 137 -12.06 16.05 -2.43
C VAL B 137 -10.63 15.87 -2.93
N ALA B 138 -10.15 14.62 -2.94
CA ALA B 138 -8.84 14.29 -3.51
C ALA B 138 -8.94 13.15 -4.49
N CYS B 139 -8.33 13.32 -5.66
CA CYS B 139 -8.25 12.28 -6.68
C CYS B 139 -6.79 12.04 -7.01
N LEU B 140 -6.30 10.82 -6.73
N LEU B 140 -6.32 10.82 -6.77
CA LEU B 140 -4.91 10.45 -6.98
CA LEU B 140 -4.93 10.45 -6.98
C LEU B 140 -4.86 9.47 -8.14
C LEU B 140 -4.86 9.47 -8.14
N MET B 141 -4.05 9.79 -9.16
CA MET B 141 -3.88 8.98 -10.36
C MET B 141 -5.19 8.44 -10.93
N GLY B 142 -6.13 9.36 -11.09
CA GLY B 142 -7.44 9.06 -11.62
C GLY B 142 -7.83 9.95 -12.78
N SER B 143 -9.13 10.08 -13.00
CA SER B 143 -9.67 10.89 -14.09
C SER B 143 -11.11 11.24 -13.74
N GLY B 144 -11.57 12.36 -14.32
CA GLY B 144 -12.99 12.70 -14.28
C GLY B 144 -13.72 12.50 -15.60
N TYR B 145 -12.98 12.10 -16.64
CA TYR B 145 -13.53 12.02 -18.00
C TYR B 145 -14.06 10.62 -18.31
N PHE B 146 -15.09 10.23 -17.55
CA PHE B 146 -15.54 8.84 -17.57
C PHE B 146 -16.03 8.41 -18.95
N ARG B 147 -16.81 9.26 -19.62
CA ARG B 147 -17.39 8.84 -20.89
C ARG B 147 -16.31 8.46 -21.89
N SER B 148 -15.30 9.32 -22.06
CA SER B 148 -14.25 9.05 -23.05
C SER B 148 -13.28 7.98 -22.56
N LEU B 149 -12.92 8.00 -21.28
CA LEU B 149 -11.96 7.02 -20.78
C LEU B 149 -12.51 5.60 -20.87
N SER B 150 -13.83 5.44 -20.81
CA SER B 150 -14.45 4.12 -20.86
C SER B 150 -14.23 3.43 -22.19
N GLN B 151 -13.79 4.13 -23.22
CA GLN B 151 -13.53 3.51 -24.50
C GLN B 151 -12.13 2.92 -24.61
N THR B 152 -11.23 3.24 -23.68
CA THR B 152 -9.85 2.77 -23.74
C THR B 152 -9.37 2.03 -22.50
N LEU B 153 -9.81 2.40 -21.31
CA LEU B 153 -9.37 1.76 -20.07
C LEU B 153 -10.43 0.77 -19.63
N PHE B 154 -10.05 -0.52 -19.55
CA PHE B 154 -10.95 -1.62 -19.20
C PHE B 154 -12.36 -1.44 -19.77
N PRO B 155 -12.51 -1.34 -21.10
CA PRO B 155 -13.85 -1.10 -21.65
C PRO B 155 -14.78 -2.24 -21.26
N SER B 156 -16.03 -1.88 -20.97
CA SER B 156 -17.03 -2.84 -20.51
C SER B 156 -18.01 -3.14 -21.64
N PRO B 157 -18.02 -4.36 -22.17
CA PRO B 157 -18.96 -4.68 -23.26
C PRO B 157 -20.40 -4.61 -22.78
N ASP B 158 -21.28 -4.18 -23.68
CA ASP B 158 -22.72 -4.13 -23.43
C ASP B 158 -23.09 -3.19 -22.29
N PHE B 159 -22.19 -2.29 -21.90
CA PHE B 159 -22.50 -1.27 -20.92
C PHE B 159 -22.93 0.00 -21.63
N ASP B 160 -24.01 0.62 -21.16
CA ASP B 160 -24.51 1.83 -21.79
C ASP B 160 -23.69 3.03 -21.30
N VAL B 161 -22.74 3.46 -22.14
CA VAL B 161 -21.81 4.53 -21.79
C VAL B 161 -22.55 5.82 -21.47
N ASP B 162 -23.73 6.03 -22.07
CA ASP B 162 -24.42 7.31 -21.88
C ASP B 162 -24.86 7.52 -20.45
N SER B 163 -24.97 6.45 -19.65
CA SER B 163 -25.31 6.61 -18.25
C SER B 163 -24.20 7.30 -17.47
N LEU B 164 -22.99 7.37 -18.01
CA LEU B 164 -21.90 8.11 -17.37
C LEU B 164 -22.02 9.61 -17.56
N ASN B 165 -22.87 10.08 -18.48
CA ASN B 165 -22.90 11.51 -18.78
C ASN B 165 -23.29 12.35 -17.57
N GLU B 166 -24.12 11.82 -16.68
CA GLU B 166 -24.54 12.61 -15.53
C GLU B 166 -23.42 12.77 -14.50
N TRP B 167 -22.37 11.95 -14.60
CA TRP B 167 -21.26 11.94 -13.66
C TRP B 167 -19.99 12.55 -14.21
N ASP B 168 -19.81 12.53 -15.53
CA ASP B 168 -18.58 12.98 -16.16
C ASP B 168 -18.32 14.45 -15.83
N VAL B 169 -17.11 14.76 -15.36
CA VAL B 169 -16.84 16.10 -14.87
C VAL B 169 -16.88 17.13 -15.99
N SER B 170 -16.65 16.72 -17.23
CA SER B 170 -16.61 17.66 -18.35
C SER B 170 -17.99 18.15 -18.73
N HIS B 171 -19.04 17.57 -18.15
CA HIS B 171 -20.40 18.05 -18.31
C HIS B 171 -20.85 18.92 -17.14
N GLN B 172 -19.94 19.25 -16.22
CA GLN B 172 -20.33 20.03 -15.06
C GLN B 172 -19.10 20.62 -14.38
N LEU B 173 -18.28 21.32 -15.16
CA LEU B 173 -17.01 21.82 -14.64
C LEU B 173 -17.18 22.71 -13.40
N ALA B 174 -18.23 23.53 -13.37
CA ALA B 174 -18.39 24.43 -12.22
C ALA B 174 -18.59 23.67 -10.92
N SER B 175 -19.13 22.45 -10.97
CA SER B 175 -19.29 21.70 -9.72
C SER B 175 -17.97 21.25 -9.12
N LEU B 176 -16.92 21.13 -9.92
CA LEU B 176 -15.60 20.80 -9.39
C LEU B 176 -14.91 22.01 -8.76
N ALA B 177 -15.44 23.20 -8.98
CA ALA B 177 -14.85 24.43 -8.45
C ALA B 177 -15.47 24.85 -7.13
N ARG B 178 -16.47 24.13 -6.64
CA ARG B 178 -17.23 24.60 -5.47
C ARG B 178 -16.47 24.37 -4.18
N ARG B 179 -15.57 23.39 -4.15
CA ARG B 179 -14.84 23.04 -2.95
C ARG B 179 -13.39 22.77 -3.32
N PRO B 180 -12.48 22.80 -2.34
CA PRO B 180 -11.08 22.44 -2.62
C PRO B 180 -10.98 21.05 -3.23
N LEU B 181 -10.13 20.94 -4.26
CA LEU B 181 -9.92 19.71 -4.99
C LEU B 181 -8.43 19.50 -5.18
N LEU B 182 -7.94 18.33 -4.79
CA LEU B 182 -6.57 17.89 -5.04
C LEU B 182 -6.58 16.91 -6.20
N LEU B 183 -5.77 17.19 -7.21
CA LEU B 183 -5.44 16.23 -8.26
C LEU B 183 -3.96 15.91 -8.15
N TRP B 184 -3.62 14.64 -8.00
CA TRP B 184 -2.23 14.19 -7.98
C TRP B 184 -2.04 13.18 -9.10
N HIS B 185 -0.88 13.21 -9.78
CA HIS B 185 -0.62 12.19 -10.81
C HIS B 185 0.89 12.05 -10.99
N GLY B 186 1.34 10.82 -11.16
CA GLY B 186 2.72 10.58 -11.63
C GLY B 186 2.79 10.75 -13.14
N ASP B 187 3.81 11.46 -13.61
CA ASP B 187 3.80 11.82 -15.03
C ASP B 187 4.27 10.71 -15.96
N ALA B 188 4.56 9.51 -15.43
CA ALA B 188 4.90 8.36 -16.25
C ALA B 188 3.87 7.26 -16.10
N ASP B 189 2.68 7.59 -15.60
CA ASP B 189 1.65 6.60 -15.37
C ASP B 189 1.22 5.95 -16.69
N ASP B 190 1.33 4.63 -16.77
CA ASP B 190 1.02 3.86 -17.97
C ASP B 190 -0.29 3.09 -17.83
N VAL B 191 -1.07 3.38 -16.79
CA VAL B 191 -2.38 2.77 -16.57
C VAL B 191 -3.50 3.79 -16.78
N VAL B 192 -3.50 4.85 -15.98
CA VAL B 192 -4.34 6.02 -16.21
C VAL B 192 -3.42 7.12 -16.72
N PRO B 193 -3.51 7.51 -18.00
CA PRO B 193 -2.56 8.49 -18.56
C PRO B 193 -2.57 9.79 -17.78
N PRO B 194 -1.39 10.38 -17.53
CA PRO B 194 -1.37 11.69 -16.85
C PRO B 194 -2.10 12.77 -17.62
N GLU B 195 -2.28 12.61 -18.93
CA GLU B 195 -3.07 13.55 -19.71
C GLU B 195 -4.47 13.72 -19.15
N GLU B 196 -5.02 12.70 -18.48
CA GLU B 196 -6.35 12.85 -17.87
C GLU B 196 -6.38 14.00 -16.88
N THR B 197 -5.35 14.09 -16.03
CA THR B 197 -5.28 15.16 -15.04
C THR B 197 -4.90 16.48 -15.70
N PHE B 198 -3.97 16.45 -16.64
CA PHE B 198 -3.57 17.69 -17.34
C PHE B 198 -4.77 18.31 -18.04
N ARG B 199 -5.58 17.47 -18.71
N ARG B 199 -5.62 17.49 -18.67
CA ARG B 199 -6.78 17.94 -19.40
CA ARG B 199 -6.74 18.05 -19.41
C ARG B 199 -7.72 18.66 -18.44
C ARG B 199 -7.80 18.63 -18.48
N LEU B 200 -8.00 18.03 -17.31
CA LEU B 200 -8.95 18.60 -16.35
C LEU B 200 -8.42 19.91 -15.78
N GLU B 201 -7.14 19.96 -15.41
CA GLU B 201 -6.55 21.20 -14.92
C GLU B 201 -6.70 22.31 -15.96
N GLN B 202 -6.39 22.01 -17.23
CA GLN B 202 -6.50 23.02 -18.27
C GLN B 202 -7.94 23.44 -18.51
N ALA B 203 -8.89 22.50 -18.45
CA ALA B 203 -10.29 22.86 -18.65
C ALA B 203 -10.77 23.79 -17.56
N LEU B 204 -10.36 23.53 -16.30
CA LEU B 204 -10.76 24.40 -15.20
C LEU B 204 -10.11 25.78 -15.32
N ARG B 205 -8.81 25.83 -15.67
CA ARG B 205 -8.15 27.12 -15.86
C ARG B 205 -8.80 27.91 -16.99
N GLN B 206 -9.15 27.26 -18.10
CA GLN B 206 -9.72 27.97 -19.23
C GLN B 206 -11.13 28.47 -18.93
N GLY B 207 -11.84 27.79 -18.04
CA GLY B 207 -13.14 28.23 -17.61
C GLY B 207 -13.16 29.21 -16.47
N ASP B 208 -11.99 29.63 -15.97
CA ASP B 208 -11.90 30.50 -14.79
C ASP B 208 -12.45 29.81 -13.54
N LEU B 209 -12.23 28.49 -13.46
CA LEU B 209 -12.83 27.64 -12.43
C LEU B 209 -11.78 26.89 -11.62
N ALA B 210 -10.57 27.44 -11.54
CA ALA B 210 -9.44 26.75 -10.90
C ALA B 210 -9.02 27.37 -9.58
N ALA B 211 -9.82 28.27 -9.01
CA ALA B 211 -9.39 29.00 -7.82
C ALA B 211 -9.21 28.08 -6.60
N ARG B 212 -9.90 26.95 -6.55
CA ARG B 212 -9.80 26.03 -5.43
C ARG B 212 -9.07 24.74 -5.79
N LEU B 213 -8.36 24.74 -6.93
CA LEU B 213 -7.70 23.55 -7.42
C LEU B 213 -6.24 23.51 -6.99
N THR B 214 -5.82 22.39 -6.42
CA THR B 214 -4.41 22.12 -6.14
C THR B 214 -4.03 20.93 -7.01
N CYS B 215 -3.09 21.14 -7.94
CA CYS B 215 -2.60 20.12 -8.87
C CYS B 215 -1.14 19.81 -8.56
N VAL B 216 -0.85 18.54 -8.29
CA VAL B 216 0.50 18.13 -7.93
C VAL B 216 0.93 17.00 -8.87
N TRP B 217 2.10 17.17 -9.49
CA TRP B 217 2.70 16.18 -10.36
C TRP B 217 3.93 15.60 -9.67
N GLN B 218 4.24 14.34 -9.95
CA GLN B 218 5.53 13.80 -9.55
C GLN B 218 6.26 13.22 -10.76
N LYS B 219 7.45 13.75 -11.04
CA LYS B 219 8.15 13.42 -12.27
C LYS B 219 8.71 12.00 -12.21
N GLY B 220 8.49 11.24 -13.28
CA GLY B 220 9.02 9.90 -13.41
C GLY B 220 8.21 8.80 -12.73
N VAL B 221 7.16 9.15 -12.00
CA VAL B 221 6.41 8.19 -11.20
C VAL B 221 5.34 7.54 -12.05
N ARG B 222 5.20 6.21 -11.91
CA ARG B 222 4.21 5.47 -12.69
C ARG B 222 2.89 5.37 -11.91
N HIS B 223 2.13 4.28 -12.06
CA HIS B 223 0.83 4.13 -11.41
C HIS B 223 1.05 3.58 -10.00
N ARG B 224 1.59 4.46 -9.15
N ARG B 224 1.61 4.45 -9.16
CA ARG B 224 2.06 4.05 -7.83
CA ARG B 224 2.04 4.06 -7.83
C ARG B 224 1.98 5.23 -6.87
C ARG B 224 1.94 5.24 -6.89
N ILE B 225 1.42 5.00 -5.68
CA ILE B 225 1.39 6.02 -4.63
C ILE B 225 2.74 6.04 -3.90
N THR B 226 3.39 7.18 -3.93
CA THR B 226 4.70 7.37 -3.30
C THR B 226 4.53 7.97 -1.90
N PRO B 227 5.61 7.96 -1.10
CA PRO B 227 5.55 8.70 0.18
C PRO B 227 5.20 10.17 0.00
N GLU B 228 5.65 10.77 -1.09
CA GLU B 228 5.34 12.17 -1.36
C GLU B 228 3.86 12.37 -1.68
N ALA B 229 3.27 11.46 -2.46
CA ALA B 229 1.84 11.54 -2.74
C ALA B 229 1.03 11.39 -1.46
N LEU B 230 1.43 10.46 -0.61
CA LEU B 230 0.72 10.25 0.65
C LEU B 230 0.82 11.48 1.54
N ALA B 231 2.03 12.05 1.69
CA ALA B 231 2.22 13.26 2.46
C ALA B 231 1.41 14.43 1.89
N THR B 232 1.34 14.53 0.56
CA THR B 232 0.54 15.59 -0.07
C THR B 232 -0.94 15.44 0.30
N THR B 233 -1.44 14.21 0.31
CA THR B 233 -2.84 13.97 0.65
C THR B 233 -3.13 14.37 2.10
N VAL B 234 -2.25 13.98 3.03
CA VAL B 234 -2.44 14.35 4.43
C VAL B 234 -2.42 15.86 4.58
N ALA B 235 -1.43 16.52 3.96
CA ALA B 235 -1.31 17.97 4.08
C ALA B 235 -2.54 18.67 3.50
N PHE B 236 -3.08 18.17 2.38
CA PHE B 236 -4.28 18.76 1.78
C PHE B 236 -5.45 18.71 2.74
N PHE B 237 -5.72 17.54 3.34
CA PHE B 237 -6.86 17.48 4.26
C PHE B 237 -6.63 18.28 5.55
N GLN B 238 -5.38 18.39 6.00
CA GLN B 238 -5.10 19.29 7.12
C GLN B 238 -5.44 20.74 6.77
N GLN B 239 -5.14 21.14 5.53
CA GLN B 239 -5.40 22.51 5.10
C GLN B 239 -6.90 22.81 5.12
N HIS B 240 -7.71 21.86 4.69
CA HIS B 240 -9.11 22.16 4.44
C HIS B 240 -10.07 21.70 5.53
N LEU B 241 -9.66 20.76 6.39
CA LEU B 241 -10.47 20.39 7.55
C LEU B 241 -10.06 21.10 8.85
N ALA B 242 -8.95 21.84 8.88
CA ALA B 242 -8.53 22.55 10.08
C ALA B 242 -9.60 23.51 10.58
#